data_4QJ8
#
_entry.id   4QJ8
#
_cell.length_a   51.306
_cell.length_b   62.663
_cell.length_c   57.477
_cell.angle_alpha   90.00
_cell.angle_beta   97.97
_cell.angle_gamma   90.00
#
_symmetry.space_group_name_H-M   'P 1 21 1'
#
loop_
_entity.id
_entity.type
_entity.pdbx_description
1 polymer Protease
2 polymer 'p1-p6 peptide'
3 non-polymer GLYCEROL
4 non-polymer 'PHOSPHATE ION'
5 water water
#
loop_
_entity_poly.entity_id
_entity_poly.type
_entity_poly.pdbx_seq_one_letter_code
_entity_poly.pdbx_strand_id
1 'polypeptide(L)'
;PQITLWKRPLVTIRIGGQLKEALLNTGADDTVLEEMNLPGKWKPKMIGGVGGFIKVRQYDQIPIEICGHKVIGTVLVGPT
PVNIIGRNLLTQIGCTLNF
;
A,B,C,D
2 'polypeptide(L)' RPGNFLQSRL E,F
#
# COMPACT_ATOMS: atom_id res chain seq x y z
N PRO A 1 -26.71 -8.02 3.97
CA PRO A 1 -26.82 -7.12 2.82
C PRO A 1 -26.41 -7.80 1.52
N GLN A 2 -26.66 -7.12 0.39
CA GLN A 2 -26.20 -7.57 -0.91
C GLN A 2 -25.33 -6.47 -1.51
N ILE A 3 -24.08 -6.80 -1.75
CA ILE A 3 -23.06 -5.83 -2.09
C ILE A 3 -22.69 -5.98 -3.55
N THR A 4 -22.92 -4.94 -4.32
CA THR A 4 -22.54 -4.92 -5.73
C THR A 4 -21.03 -4.71 -5.80
N LEU A 5 -20.45 -4.83 -6.98
CA LEU A 5 -19.01 -4.90 -7.11
C LEU A 5 -18.46 -3.80 -8.04
N TRP A 6 -19.23 -2.74 -8.19
CA TRP A 6 -18.82 -1.58 -8.99
C TRP A 6 -17.65 -0.89 -8.32
N LYS A 7 -17.64 -0.94 -6.99
CA LYS A 7 -16.58 -0.46 -6.14
C LYS A 7 -16.01 -1.64 -5.38
N ARG A 8 -14.81 -1.46 -4.82
CA ARG A 8 -14.20 -2.47 -3.91
C ARG A 8 -15.12 -2.73 -2.72
N PRO A 9 -15.37 -4.02 -2.42
CA PRO A 9 -16.29 -4.30 -1.31
C PRO A 9 -15.61 -4.12 0.04
N LEU A 10 -15.37 -2.85 0.39
CA LEU A 10 -14.81 -2.49 1.68
C LEU A 10 -15.92 -2.30 2.69
N VAL A 11 -15.71 -2.85 3.88
CA VAL A 11 -16.65 -2.73 4.94
C VAL A 11 -15.87 -2.41 6.17
N THR A 12 -16.58 -1.94 7.19
CA THR A 12 -16.01 -1.67 8.49
C THR A 12 -16.00 -2.95 9.29
N ILE A 13 -14.92 -3.19 10.02
CA ILE A 13 -14.87 -4.33 10.92
C ILE A 13 -14.45 -3.84 12.31
N ARG A 14 -14.85 -4.58 13.33
CA ARG A 14 -14.39 -4.28 14.66
C ARG A 14 -13.69 -5.49 15.21
N ILE A 15 -12.54 -5.26 15.83
CA ILE A 15 -11.78 -6.30 16.45
C ILE A 15 -11.18 -5.72 17.76
N GLY A 16 -11.66 -6.22 18.90
CA GLY A 16 -11.24 -5.71 20.21
C GLY A 16 -11.47 -4.21 20.37
N GLY A 17 -12.65 -3.75 19.95
CA GLY A 17 -12.99 -2.34 20.00
C GLY A 17 -12.12 -1.42 19.15
N GLN A 18 -11.56 -1.98 18.08
CA GLN A 18 -10.77 -1.19 17.16
C GLN A 18 -11.48 -1.20 15.83
N LEU A 19 -11.59 -0.02 15.25
CA LEU A 19 -12.36 0.20 14.07
C LEU A 19 -11.40 0.08 12.90
N LYS A 20 -11.75 -0.73 11.91
CA LYS A 20 -10.86 -0.99 10.78
C LYS A 20 -11.66 -1.21 9.51
N GLU A 21 -11.14 -0.71 8.39
CA GLU A 21 -11.70 -1.01 7.08
C GLU A 21 -11.03 -2.27 6.50
N ALA A 22 -11.81 -3.12 5.84
CA ALA A 22 -11.26 -4.34 5.24
C ALA A 22 -12.04 -4.74 3.99
N LEU A 23 -11.37 -5.49 3.11
CA LEU A 23 -11.88 -5.84 1.83
C LEU A 23 -12.45 -7.26 1.85
N LEU A 24 -13.71 -7.40 1.46
CA LEU A 24 -14.30 -8.73 1.31
C LEU A 24 -13.74 -9.41 0.04
N ASN A 25 -12.94 -10.46 0.24
CA ASN A 25 -12.05 -11.01 -0.79
C ASN A 25 -12.31 -12.51 -1.00
N THR A 26 -13.18 -12.83 -1.96
CA THR A 26 -13.44 -14.26 -2.33
C THR A 26 -12.21 -14.95 -2.94
N GLY A 27 -11.24 -14.17 -3.39
CA GLY A 27 -9.98 -14.71 -3.88
C GLY A 27 -8.89 -14.97 -2.85
N ALA A 28 -9.24 -14.86 -1.56
CA ALA A 28 -8.30 -15.16 -0.48
C ALA A 28 -8.84 -16.30 0.35
N ASP A 29 -8.03 -17.33 0.53
CA ASP A 29 -8.37 -18.45 1.42
C ASP A 29 -8.52 -17.99 2.86
N ASP A 30 -7.65 -17.05 3.24
CA ASP A 30 -7.44 -16.66 4.62
C ASP A 30 -7.66 -15.18 4.82
N THR A 31 -7.88 -14.79 6.07
CA THR A 31 -7.99 -13.41 6.45
C THR A 31 -6.65 -12.87 6.93
N VAL A 32 -6.28 -11.69 6.42
CA VAL A 32 -5.03 -11.04 6.78
C VAL A 32 -5.22 -9.54 7.03
N LEU A 33 -4.76 -9.11 8.21
CA LEU A 33 -4.87 -7.73 8.63
C LEU A 33 -3.50 -7.11 8.82
N GLU A 34 -3.44 -5.80 8.67
CA GLU A 34 -2.22 -5.05 8.79
C GLU A 34 -1.69 -5.17 10.22
N GLU A 35 -0.41 -4.83 10.40
CA GLU A 35 0.25 -5.03 11.68
C GLU A 35 -0.59 -4.52 12.86
N MET A 36 -0.78 -5.36 13.86
CA MET A 36 -1.53 -4.99 15.04
C MET A 36 -1.21 -5.98 16.13
N ASN A 37 -1.51 -5.62 17.37
CA ASN A 37 -1.32 -6.54 18.46
C ASN A 37 -2.58 -7.36 18.61
N LEU A 38 -2.43 -8.67 18.72
CA LEU A 38 -3.53 -9.53 19.06
C LEU A 38 -3.11 -10.46 20.18
N PRO A 39 -4.06 -10.80 21.07
CA PRO A 39 -3.74 -11.70 22.17
C PRO A 39 -3.54 -13.13 21.70
N GLY A 40 -2.88 -13.93 22.52
CA GLY A 40 -2.79 -15.36 22.27
C GLY A 40 -1.50 -15.77 21.57
N LYS A 41 -1.31 -17.07 21.44
CA LYS A 41 -0.14 -17.60 20.76
C LYS A 41 -0.28 -17.45 19.25
N TRP A 42 0.84 -17.50 18.54
CA TRP A 42 0.83 -17.42 17.08
C TRP A 42 1.97 -18.25 16.47
N LYS A 43 1.83 -18.56 15.19
CA LYS A 43 2.88 -19.23 14.40
C LYS A 43 3.05 -18.49 13.06
N PRO A 44 4.29 -18.50 12.52
CA PRO A 44 4.57 -17.83 11.26
C PRO A 44 4.00 -18.58 10.07
N LYS A 45 3.54 -17.84 9.07
CA LYS A 45 2.97 -18.43 7.86
C LYS A 45 3.37 -17.56 6.68
N MET A 46 3.59 -18.19 5.54
CA MET A 46 3.75 -17.47 4.30
C MET A 46 2.42 -17.42 3.55
N ILE A 47 2.09 -16.25 3.02
CA ILE A 47 0.95 -16.12 2.11
C ILE A 47 1.34 -15.29 0.92
N GLY A 48 0.71 -15.56 -0.21
CA GLY A 48 0.96 -14.79 -1.43
C GLY A 48 -0.10 -15.04 -2.47
N GLY A 49 -0.04 -14.29 -3.56
CA GLY A 49 -0.95 -14.55 -4.66
C GLY A 49 -0.44 -14.02 -5.97
N VAL A 50 -0.77 -12.75 -6.23
CA VAL A 50 -0.22 -12.07 -7.37
C VAL A 50 1.14 -11.49 -6.95
N GLY A 51 2.22 -12.04 -7.51
CA GLY A 51 3.58 -11.59 -7.18
C GLY A 51 4.11 -12.33 -5.98
N GLY A 52 5.15 -11.83 -5.34
CA GLY A 52 5.78 -12.57 -4.23
C GLY A 52 4.97 -12.70 -2.95
N PHE A 53 5.53 -13.45 -1.99
CA PHE A 53 4.85 -13.76 -0.74
C PHE A 53 5.23 -12.79 0.36
N ILE A 54 4.41 -12.77 1.40
CA ILE A 54 4.79 -12.09 2.65
C ILE A 54 4.65 -13.04 3.84
N LYS A 55 5.52 -12.85 4.84
CA LYS A 55 5.47 -13.60 6.08
C LYS A 55 4.49 -12.91 7.03
N VAL A 56 3.59 -13.69 7.62
CA VAL A 56 2.60 -13.17 8.54
C VAL A 56 2.60 -13.99 9.83
N ARG A 57 1.87 -13.50 10.84
CA ARG A 57 1.63 -14.25 12.06
C ARG A 57 0.18 -14.73 12.12
N GLN A 58 0.00 -16.00 12.48
CA GLN A 58 -1.32 -16.61 12.59
C GLN A 58 -1.85 -16.66 14.04
N TYR A 59 -2.94 -15.94 14.30
CA TYR A 59 -3.61 -15.99 15.59
C TYR A 59 -4.96 -16.69 15.43
N ASP A 60 -5.43 -17.37 16.48
CA ASP A 60 -6.67 -18.12 16.40
C ASP A 60 -7.73 -17.60 17.39
N GLN A 61 -9.00 -17.90 17.10
CA GLN A 61 -10.12 -17.55 17.97
C GLN A 61 -10.24 -16.05 18.21
N ILE A 62 -10.03 -15.32 17.14
CA ILE A 62 -10.07 -13.89 17.19
C ILE A 62 -11.46 -13.47 16.73
N PRO A 63 -12.22 -12.79 17.62
CA PRO A 63 -13.54 -12.34 17.20
C PRO A 63 -13.44 -11.09 16.35
N ILE A 64 -14.24 -11.04 15.30
CA ILE A 64 -14.32 -9.89 14.47
C ILE A 64 -15.78 -9.63 14.21
N GLU A 65 -16.15 -8.37 14.25
CA GLU A 65 -17.49 -7.99 13.90
C GLU A 65 -17.43 -7.41 12.51
N ILE A 66 -18.05 -8.12 11.57
CA ILE A 66 -18.03 -7.73 10.18
C ILE A 66 -19.42 -7.33 9.76
N CYS A 67 -19.61 -6.05 9.51
CA CYS A 67 -20.87 -5.55 8.98
C CYS A 67 -22.05 -6.07 9.83
N GLY A 68 -21.86 -6.08 11.16
CA GLY A 68 -22.90 -6.51 12.09
C GLY A 68 -22.78 -7.93 12.59
N HIS A 69 -22.05 -8.77 11.87
CA HIS A 69 -21.94 -10.19 12.21
C HIS A 69 -20.70 -10.44 13.05
N LYS A 70 -20.91 -10.85 14.30
CA LYS A 70 -19.82 -11.30 15.17
C LYS A 70 -19.42 -12.71 14.77
N VAL A 71 -18.17 -12.89 14.34
CA VAL A 71 -17.63 -14.21 14.08
C VAL A 71 -16.29 -14.38 14.78
N ILE A 72 -15.82 -15.63 14.83
CA ILE A 72 -14.61 -15.99 15.53
C ILE A 72 -13.81 -16.94 14.66
N GLY A 73 -12.54 -16.66 14.44
CA GLY A 73 -11.74 -17.53 13.62
C GLY A 73 -10.29 -17.15 13.55
N THR A 74 -9.61 -17.66 12.55
CA THR A 74 -8.19 -17.47 12.37
C THR A 74 -7.93 -16.16 11.67
N VAL A 75 -6.96 -15.40 12.20
CA VAL A 75 -6.61 -14.11 11.64
C VAL A 75 -5.09 -14.03 11.46
N LEU A 76 -4.65 -13.73 10.25
CA LEU A 76 -3.23 -13.52 9.98
C LEU A 76 -2.91 -12.05 10.06
N VAL A 77 -1.73 -11.74 10.58
CA VAL A 77 -1.32 -10.38 10.75
C VAL A 77 0.03 -10.22 10.13
N GLY A 78 0.18 -9.16 9.34
CA GLY A 78 1.41 -8.95 8.62
C GLY A 78 1.30 -7.76 7.73
N PRO A 79 2.35 -7.51 6.91
CA PRO A 79 2.48 -6.27 6.16
C PRO A 79 1.63 -6.25 4.87
N THR A 80 0.38 -6.67 4.95
CA THR A 80 -0.50 -6.62 3.80
C THR A 80 -0.80 -5.14 3.45
N PRO A 81 -0.86 -4.82 2.15
CA PRO A 81 -1.17 -3.44 1.78
C PRO A 81 -2.63 -3.06 2.03
N VAL A 82 -3.46 -4.06 2.29
CA VAL A 82 -4.91 -3.88 2.44
C VAL A 82 -5.41 -4.93 3.43
N ASN A 83 -6.29 -4.54 4.37
CA ASN A 83 -6.97 -5.51 5.25
C ASN A 83 -7.95 -6.35 4.45
N ILE A 84 -7.91 -7.66 4.67
CA ILE A 84 -8.53 -8.61 3.77
C ILE A 84 -9.27 -9.64 4.60
N ILE A 85 -10.57 -9.74 4.34
CA ILE A 85 -11.42 -10.78 4.92
C ILE A 85 -11.54 -11.88 3.89
N GLY A 86 -10.98 -13.03 4.19
CA GLY A 86 -10.95 -14.14 3.25
C GLY A 86 -12.01 -15.15 3.58
N ARG A 87 -11.99 -16.26 2.85
CA ARG A 87 -13.09 -17.23 2.87
C ARG A 87 -13.33 -17.85 4.23
N ASN A 88 -12.26 -17.97 5.02
CA ASN A 88 -12.35 -18.57 6.33
C ASN A 88 -13.38 -17.84 7.19
N LEU A 89 -13.49 -16.52 7.06
CA LEU A 89 -14.52 -15.77 7.78
C LEU A 89 -15.75 -15.48 6.96
N LEU A 90 -15.62 -15.27 5.65
CA LEU A 90 -16.78 -15.04 4.79
C LEU A 90 -17.82 -16.15 4.95
N THR A 91 -17.34 -17.39 4.98
CA THR A 91 -18.22 -18.55 5.19
C THR A 91 -18.96 -18.43 6.52
N GLN A 92 -18.28 -17.92 7.55
CA GLN A 92 -18.86 -17.83 8.90
C GLN A 92 -19.99 -16.83 9.00
N ILE A 93 -19.99 -15.82 8.14
CA ILE A 93 -21.05 -14.82 8.12
C ILE A 93 -22.13 -15.20 7.10
N GLY A 94 -22.05 -16.40 6.53
CA GLY A 94 -23.04 -16.87 5.57
C GLY A 94 -22.90 -16.26 4.16
N CYS A 95 -21.74 -15.74 3.83
CA CYS A 95 -21.58 -15.00 2.58
C CYS A 95 -21.54 -15.92 1.33
N THR A 96 -22.28 -15.55 0.27
CA THR A 96 -22.18 -16.27 -1.00
C THR A 96 -21.94 -15.31 -2.14
N LEU A 97 -21.49 -15.82 -3.28
CA LEU A 97 -21.48 -15.07 -4.52
C LEU A 97 -22.72 -15.47 -5.31
N ASN A 98 -23.50 -14.48 -5.71
CA ASN A 98 -24.79 -14.71 -6.36
C ASN A 98 -24.82 -14.04 -7.75
N PHE A 99 -25.22 -14.79 -8.76
CA PHE A 99 -25.61 -14.21 -10.06
C PHE A 99 -26.57 -15.14 -10.79
N PRO B 1 -26.14 -18.90 -10.28
CA PRO B 1 -26.04 -19.70 -9.08
C PRO B 1 -25.83 -18.87 -7.82
N GLN B 2 -25.97 -19.53 -6.68
CA GLN B 2 -25.50 -19.02 -5.40
C GLN B 2 -24.29 -19.86 -4.99
N ILE B 3 -23.09 -19.29 -5.11
CA ILE B 3 -21.86 -20.05 -4.89
C ILE B 3 -21.35 -19.81 -3.47
N THR B 4 -21.25 -20.90 -2.71
CA THR B 4 -20.80 -20.84 -1.34
C THR B 4 -19.28 -20.78 -1.37
N LEU B 5 -18.66 -20.48 -0.24
CA LEU B 5 -17.24 -20.13 -0.21
C LEU B 5 -16.39 -21.06 0.63
N TRP B 6 -16.92 -22.25 0.92
CA TRP B 6 -16.16 -23.27 1.58
C TRP B 6 -14.98 -23.75 0.75
N LYS B 7 -15.17 -23.81 -0.57
CA LYS B 7 -14.10 -24.03 -1.53
C LYS B 7 -13.85 -22.76 -2.33
N ARG B 8 -12.70 -22.67 -3.00
CA ARG B 8 -12.40 -21.62 -3.96
C ARG B 8 -13.48 -21.57 -5.04
N PRO B 9 -14.03 -20.37 -5.30
CA PRO B 9 -15.09 -20.26 -6.30
C PRO B 9 -14.54 -20.27 -7.74
N LEU B 10 -14.28 -21.47 -8.22
CA LEU B 10 -13.68 -21.66 -9.54
C LEU B 10 -14.75 -21.97 -10.56
N VAL B 11 -14.70 -21.28 -11.68
CA VAL B 11 -15.67 -21.48 -12.74
C VAL B 11 -14.92 -21.71 -14.02
N THR B 12 -15.65 -22.15 -15.04
CA THR B 12 -15.09 -22.34 -16.35
C THR B 12 -15.30 -21.08 -17.17
N ILE B 13 -14.24 -20.64 -17.86
CA ILE B 13 -14.33 -19.54 -18.78
C ILE B 13 -13.84 -19.96 -20.16
N ARG B 14 -14.25 -19.20 -21.18
CA ARG B 14 -13.75 -19.39 -22.54
C ARG B 14 -13.28 -18.07 -23.11
N ILE B 15 -12.05 -18.09 -23.64
CA ILE B 15 -11.42 -16.92 -24.26
C ILE B 15 -10.50 -17.38 -25.42
N GLY B 16 -10.59 -16.72 -26.57
CA GLY B 16 -9.87 -17.15 -27.77
C GLY B 16 -10.09 -18.62 -28.12
N GLY B 17 -11.24 -19.16 -27.73
CA GLY B 17 -11.55 -20.57 -27.98
C GLY B 17 -10.80 -21.53 -27.08
N GLN B 18 -10.17 -21.03 -26.02
CA GLN B 18 -9.54 -21.88 -25.00
C GLN B 18 -10.42 -21.88 -23.75
N LEU B 19 -10.69 -23.08 -23.21
CA LEU B 19 -11.39 -23.22 -21.96
C LEU B 19 -10.40 -23.25 -20.79
N LYS B 20 -10.70 -22.46 -19.77
CA LYS B 20 -9.84 -22.34 -18.60
C LYS B 20 -10.64 -22.32 -17.31
N GLU B 21 -9.99 -22.72 -16.23
CA GLU B 21 -10.54 -22.59 -14.89
C GLU B 21 -10.13 -21.21 -14.38
N ALA B 22 -11.04 -20.53 -13.71
CA ALA B 22 -10.75 -19.21 -13.17
C ALA B 22 -11.50 -18.97 -11.86
N LEU B 23 -10.90 -18.11 -11.04
CA LEU B 23 -11.35 -17.84 -9.69
C LEU B 23 -12.21 -16.58 -9.67
N LEU B 24 -13.42 -16.69 -9.17
CA LEU B 24 -14.27 -15.51 -9.00
C LEU B 24 -13.74 -14.68 -7.80
N ASN B 25 -13.22 -13.49 -8.10
CA ASN B 25 -12.36 -12.78 -7.16
C ASN B 25 -12.82 -11.35 -6.88
N THR B 26 -13.59 -11.17 -5.82
CA THR B 26 -14.04 -9.85 -5.42
C THR B 26 -12.90 -8.95 -4.90
N GLY B 27 -11.76 -9.56 -4.62
CA GLY B 27 -10.59 -8.84 -4.18
C GLY B 27 -9.71 -8.34 -5.34
N ALA B 28 -10.14 -8.57 -6.57
CA ALA B 28 -9.40 -8.13 -7.76
C ALA B 28 -10.17 -7.03 -8.45
N ASP B 29 -9.50 -5.93 -8.77
CA ASP B 29 -10.14 -4.86 -9.56
C ASP B 29 -10.32 -5.36 -11.00
N ASP B 30 -9.38 -6.20 -11.45
CA ASP B 30 -9.24 -6.53 -12.86
C ASP B 30 -9.22 -8.04 -13.08
N THR B 31 -9.29 -8.42 -14.35
CA THR B 31 -9.25 -9.82 -14.74
C THR B 31 -7.85 -10.12 -15.26
N VAL B 32 -7.21 -11.10 -14.65
CA VAL B 32 -5.84 -11.46 -14.93
C VAL B 32 -5.74 -12.92 -15.25
N LEU B 33 -5.26 -13.22 -16.44
CA LEU B 33 -5.17 -14.60 -16.93
C LEU B 33 -3.71 -14.99 -17.03
N GLU B 34 -3.47 -16.29 -16.82
CA GLU B 34 -2.16 -16.83 -16.90
C GLU B 34 -1.62 -16.64 -18.30
N GLU B 35 -0.30 -16.70 -18.40
CA GLU B 35 0.38 -16.49 -19.62
C GLU B 35 -0.27 -17.30 -20.75
N MET B 36 -0.55 -16.58 -21.84
CA MET B 36 -1.17 -17.18 -23.01
C MET B 36 -0.97 -16.19 -24.12
N ASN B 37 -1.13 -16.66 -25.35
CA ASN B 37 -1.09 -15.76 -26.50
C ASN B 37 -2.50 -15.34 -26.90
N LEU B 38 -2.65 -14.06 -27.24
CA LEU B 38 -3.93 -13.49 -27.67
C LEU B 38 -3.64 -12.56 -28.82
N PRO B 39 -4.46 -12.57 -29.86
CA PRO B 39 -4.21 -11.64 -30.95
C PRO B 39 -4.65 -10.25 -30.55
N GLY B 40 -4.00 -9.23 -31.08
CA GLY B 40 -4.41 -7.86 -30.83
C GLY B 40 -3.32 -7.00 -30.27
N LYS B 41 -3.60 -5.71 -30.29
CA LYS B 41 -2.76 -4.73 -29.68
C LYS B 41 -2.93 -4.84 -28.18
N TRP B 42 -1.88 -4.53 -27.47
CA TRP B 42 -1.93 -4.53 -26.02
C TRP B 42 -1.07 -3.42 -25.49
N LYS B 43 -1.28 -3.06 -24.23
CA LYS B 43 -0.48 -2.06 -23.53
C LYS B 43 0.11 -2.74 -22.30
N PRO B 44 1.37 -2.40 -21.97
CA PRO B 44 1.95 -2.91 -20.73
C PRO B 44 1.36 -2.26 -19.50
N LYS B 45 1.18 -3.02 -18.44
CA LYS B 45 0.69 -2.47 -17.19
C LYS B 45 1.30 -3.22 -16.02
N MET B 46 1.38 -2.55 -14.90
CA MET B 46 1.84 -3.16 -13.69
C MET B 46 0.67 -3.21 -12.75
N ILE B 47 0.47 -4.35 -12.11
CA ILE B 47 -0.58 -4.52 -11.12
C ILE B 47 0.05 -4.97 -9.81
N GLY B 48 -0.67 -4.76 -8.71
CA GLY B 48 -0.16 -5.08 -7.38
C GLY B 48 -0.94 -6.22 -6.76
N GLY B 49 -0.27 -7.01 -5.96
CA GLY B 49 -0.95 -8.06 -5.20
C GLY B 49 -0.62 -7.88 -3.74
N VAL B 50 -0.82 -8.94 -2.97
CA VAL B 50 -0.64 -8.89 -1.53
C VAL B 50 0.83 -8.77 -1.13
N GLY B 51 1.73 -9.31 -1.94
CA GLY B 51 3.16 -9.31 -1.55
C GLY B 51 4.12 -8.91 -2.66
N GLY B 52 3.58 -8.32 -3.72
CA GLY B 52 4.41 -7.94 -4.84
C GLY B 52 3.62 -7.40 -6.02
N PHE B 53 4.31 -7.29 -7.15
CA PHE B 53 3.77 -6.74 -8.39
C PHE B 53 4.12 -7.69 -9.52
N ILE B 54 3.24 -7.74 -10.53
CA ILE B 54 3.55 -8.37 -11.80
C ILE B 54 3.19 -7.43 -12.94
N LYS B 55 3.96 -7.56 -14.01
CA LYS B 55 3.74 -6.84 -15.24
C LYS B 55 2.77 -7.68 -16.05
N VAL B 56 1.82 -7.02 -16.69
CA VAL B 56 0.82 -7.69 -17.52
C VAL B 56 0.66 -7.01 -18.87
N ARG B 57 0.06 -7.74 -19.80
CA ARG B 57 -0.32 -7.22 -21.11
C ARG B 57 -1.82 -6.93 -21.04
N GLN B 58 -2.20 -5.67 -21.23
CA GLN B 58 -3.61 -5.30 -21.17
C GLN B 58 -4.22 -5.38 -22.54
N TYR B 59 -5.23 -6.25 -22.69
CA TYR B 59 -6.02 -6.30 -23.94
C TYR B 59 -7.41 -5.74 -23.68
N ASP B 60 -7.88 -4.87 -24.57
CA ASP B 60 -9.16 -4.21 -24.40
C ASP B 60 -10.22 -4.78 -25.33
N GLN B 61 -11.47 -4.66 -24.90
CA GLN B 61 -12.61 -5.12 -25.70
C GLN B 61 -12.47 -6.55 -26.15
N ILE B 62 -12.11 -7.44 -25.23
CA ILE B 62 -11.96 -8.85 -25.52
C ILE B 62 -13.27 -9.60 -25.18
N PRO B 63 -13.82 -10.38 -26.13
CA PRO B 63 -14.94 -11.26 -25.79
C PRO B 63 -14.47 -12.41 -24.93
N ILE B 64 -15.15 -12.64 -23.80
CA ILE B 64 -14.80 -13.72 -22.89
C ILE B 64 -16.09 -14.26 -22.31
N GLU B 65 -16.20 -15.58 -22.17
CA GLU B 65 -17.40 -16.21 -21.64
C GLU B 65 -17.12 -16.73 -20.25
N ILE B 66 -17.99 -16.37 -19.31
CA ILE B 66 -17.81 -16.70 -17.93
C ILE B 66 -19.03 -17.42 -17.42
N CYS B 67 -18.87 -18.70 -17.09
CA CYS B 67 -19.97 -19.48 -16.57
C CYS B 67 -21.20 -19.29 -17.47
N GLY B 68 -20.98 -19.34 -18.78
CA GLY B 68 -22.06 -19.22 -19.75
C GLY B 68 -22.53 -17.80 -20.10
N HIS B 69 -21.90 -16.78 -19.52
CA HIS B 69 -22.26 -15.39 -19.78
C HIS B 69 -21.25 -14.80 -20.76
N LYS B 70 -21.73 -14.44 -21.95
CA LYS B 70 -20.86 -13.83 -22.97
C LYS B 70 -20.73 -12.36 -22.69
N VAL B 71 -19.55 -11.94 -22.27
CA VAL B 71 -19.30 -10.55 -21.92
C VAL B 71 -18.13 -10.02 -22.75
N ILE B 72 -17.88 -8.72 -22.63
CA ILE B 72 -16.78 -8.08 -23.37
C ILE B 72 -16.09 -7.13 -22.40
N GLY B 73 -14.77 -7.22 -22.31
CA GLY B 73 -14.06 -6.35 -21.40
C GLY B 73 -12.55 -6.45 -21.51
N THR B 74 -11.89 -5.76 -20.60
CA THR B 74 -10.45 -5.75 -20.53
C THR B 74 -9.98 -7.03 -19.84
N VAL B 75 -8.99 -7.66 -20.44
CA VAL B 75 -8.30 -8.80 -19.86
C VAL B 75 -6.80 -8.46 -19.80
N LEU B 76 -6.19 -8.75 -18.66
CA LEU B 76 -4.75 -8.66 -18.48
C LEU B 76 -4.18 -10.03 -18.53
N VAL B 77 -3.02 -10.17 -19.21
CA VAL B 77 -2.36 -11.46 -19.32
C VAL B 77 -0.94 -11.31 -18.76
N GLY B 78 -0.59 -12.22 -17.85
CA GLY B 78 0.69 -12.16 -17.16
C GLY B 78 0.87 -13.30 -16.19
N PRO B 79 1.95 -13.25 -15.36
CA PRO B 79 2.34 -14.41 -14.59
C PRO B 79 1.65 -14.48 -13.24
N THR B 80 0.33 -14.54 -13.30
CA THR B 80 -0.45 -14.93 -12.18
C THR B 80 -0.42 -16.47 -12.11
N PRO B 81 -0.43 -17.02 -10.90
CA PRO B 81 -0.50 -18.46 -10.72
C PRO B 81 -1.90 -19.07 -10.90
N VAL B 82 -2.93 -18.23 -10.84
N VAL B 82 -2.95 -18.27 -10.75
CA VAL B 82 -4.33 -18.66 -10.98
CA VAL B 82 -4.31 -18.74 -11.06
C VAL B 82 -5.04 -17.66 -11.85
C VAL B 82 -5.05 -17.67 -11.84
N ASN B 83 -5.88 -18.11 -12.78
CA ASN B 83 -6.70 -17.20 -13.59
C ASN B 83 -7.70 -16.51 -12.69
N ILE B 84 -7.81 -15.20 -12.83
CA ILE B 84 -8.62 -14.42 -11.90
C ILE B 84 -9.68 -13.66 -12.68
N ILE B 85 -10.95 -13.85 -12.29
CA ILE B 85 -12.03 -13.01 -12.75
C ILE B 85 -12.30 -11.91 -11.75
N GLY B 86 -11.96 -10.70 -12.12
CA GLY B 86 -12.08 -9.57 -11.20
C GLY B 86 -13.33 -8.74 -11.41
N ARG B 87 -13.44 -7.64 -10.65
CA ARG B 87 -14.70 -6.89 -10.59
C ARG B 87 -15.12 -6.31 -11.91
N ASN B 88 -14.16 -5.98 -12.77
CA ASN B 88 -14.50 -5.46 -14.10
C ASN B 88 -15.43 -6.40 -14.88
N LEU B 89 -15.34 -7.71 -14.64
CA LEU B 89 -16.23 -8.68 -15.30
C LEU B 89 -17.30 -9.26 -14.38
N LEU B 90 -17.02 -9.36 -13.09
CA LEU B 90 -18.00 -9.81 -12.12
C LEU B 90 -19.25 -8.93 -12.17
N THR B 91 -19.05 -7.63 -12.40
CA THR B 91 -20.18 -6.74 -12.53
C THR B 91 -21.00 -7.01 -13.80
N GLN B 92 -20.35 -7.47 -14.87
CA GLN B 92 -21.05 -7.73 -16.13
C GLN B 92 -21.95 -8.97 -16.06
N ILE B 93 -21.54 -9.94 -15.25
CA ILE B 93 -22.38 -11.13 -15.07
C ILE B 93 -23.41 -10.94 -13.95
N GLY B 94 -23.41 -9.78 -13.29
CA GLY B 94 -24.44 -9.47 -12.24
C GLY B 94 -24.09 -10.04 -10.88
N CYS B 95 -22.80 -10.26 -10.65
CA CYS B 95 -22.37 -10.94 -9.44
C CYS B 95 -22.43 -10.02 -8.23
N THR B 96 -23.04 -10.51 -7.17
CA THR B 96 -23.04 -9.79 -5.91
C THR B 96 -22.63 -10.69 -4.77
N LEU B 97 -22.23 -10.04 -3.70
CA LEU B 97 -21.87 -10.70 -2.45
C LEU B 97 -23.06 -10.59 -1.52
N ASN B 98 -23.57 -11.72 -1.05
CA ASN B 98 -24.78 -11.73 -0.27
C ASN B 98 -24.59 -12.40 1.08
N PHE B 99 -24.93 -11.69 2.15
CA PHE B 99 -24.94 -12.29 3.49
C PHE B 99 -25.96 -11.62 4.43
N PRO C 1 14.98 -4.79 13.20
CA PRO C 1 13.81 -5.17 12.38
C PRO C 1 13.89 -4.70 10.93
N GLN C 2 13.02 -5.25 10.11
CA GLN C 2 12.84 -4.83 8.75
C GLN C 2 11.44 -4.33 8.66
N ILE C 3 11.27 -3.09 8.21
CA ILE C 3 9.95 -2.50 8.06
C ILE C 3 9.64 -2.33 6.59
N THR C 4 8.52 -2.92 6.13
CA THR C 4 8.08 -2.77 4.73
C THR C 4 7.31 -1.48 4.50
N LEU C 5 7.01 -1.20 3.24
CA LEU C 5 6.45 0.08 2.86
C LEU C 5 5.10 -0.04 2.15
N TRP C 6 4.46 -1.20 2.30
CA TRP C 6 3.11 -1.42 1.76
C TRP C 6 2.14 -0.46 2.43
N LYS C 7 2.41 -0.14 3.69
CA LYS C 7 1.69 0.86 4.42
C LYS C 7 2.69 1.91 4.94
N ARG C 8 2.18 3.02 5.42
CA ARG C 8 3.00 4.03 6.05
C ARG C 8 3.80 3.40 7.19
N PRO C 9 5.11 3.67 7.25
CA PRO C 9 5.94 3.09 8.33
C PRO C 9 5.76 3.82 9.67
N LEU C 10 4.62 3.55 10.31
CA LEU C 10 4.28 4.14 11.59
C LEU C 10 4.78 3.27 12.70
N VAL C 11 5.42 3.91 13.68
CA VAL C 11 5.86 3.23 14.89
C VAL C 11 5.38 4.06 16.06
N THR C 12 5.51 3.52 17.26
CA THR C 12 5.17 4.30 18.43
C THR C 12 6.45 4.84 19.02
N ILE C 13 6.42 6.11 19.42
CA ILE C 13 7.59 6.69 20.08
C ILE C 13 7.25 7.11 21.50
N ARG C 14 8.26 7.16 22.35
CA ARG C 14 8.09 7.65 23.70
C ARG C 14 8.97 8.90 23.87
N ILE C 15 8.31 9.98 24.26
CA ILE C 15 8.92 11.29 24.57
C ILE C 15 7.88 11.82 25.54
N GLY C 16 8.26 12.00 26.81
N GLY C 16 8.11 11.69 26.83
CA GLY C 16 9.35 11.29 27.45
CA GLY C 16 8.75 12.66 27.67
C GLY C 16 8.66 10.14 28.14
C GLY C 16 7.54 12.45 28.57
N GLY C 17 7.38 10.36 28.43
N GLY C 17 7.17 11.18 28.63
CA GLY C 17 6.48 9.30 28.82
CA GLY C 17 5.95 10.73 29.29
C GLY C 17 5.11 9.53 28.21
C GLY C 17 4.78 10.39 28.38
N GLN C 18 5.05 10.40 27.21
N GLN C 18 4.83 10.85 27.14
CA GLN C 18 3.87 10.48 26.35
CA GLN C 18 3.74 10.63 26.22
C GLN C 18 4.14 9.63 25.12
C GLN C 18 4.12 9.66 25.12
N LEU C 19 3.14 8.84 24.75
CA LEU C 19 3.30 7.84 23.73
C LEU C 19 2.74 8.43 22.46
N LYS C 20 3.46 8.31 21.36
CA LYS C 20 2.99 8.88 20.08
C LYS C 20 3.25 7.99 18.87
N GLU C 21 2.33 8.05 17.92
CA GLU C 21 2.52 7.37 16.65
C GLU C 21 3.25 8.32 15.75
N ALA C 22 4.27 7.83 15.07
CA ALA C 22 5.06 8.68 14.19
C ALA C 22 5.61 7.91 13.01
N LEU C 23 5.90 8.68 11.97
CA LEU C 23 6.22 8.15 10.67
C LEU C 23 7.72 8.13 10.49
N LEU C 24 8.28 6.95 10.23
CA LEU C 24 9.68 6.82 9.88
C LEU C 24 9.90 7.39 8.50
N ASN C 25 10.59 8.53 8.44
CA ASN C 25 10.58 9.39 7.28
C ASN C 25 11.97 9.75 6.75
N THR C 26 12.43 9.00 5.74
CA THR C 26 13.73 9.27 5.12
C THR C 26 13.74 10.56 4.30
N GLY C 27 12.55 11.12 4.02
CA GLY C 27 12.45 12.39 3.35
C GLY C 27 12.44 13.63 4.24
N ALA C 28 12.72 13.45 5.54
CA ALA C 28 12.78 14.54 6.50
C ALA C 28 14.18 14.63 7.10
N ASP C 29 14.81 15.80 6.98
CA ASP C 29 16.11 16.06 7.65
C ASP C 29 15.98 15.93 9.16
N ASP C 30 14.83 16.35 9.67
CA ASP C 30 14.60 16.62 11.09
C ASP C 30 13.40 15.82 11.60
N THR C 31 13.23 15.83 12.91
CA THR C 31 12.11 15.16 13.57
C THR C 31 11.06 16.21 13.99
N VAL C 32 9.82 16.04 13.53
CA VAL C 32 8.78 17.07 13.74
C VAL C 32 7.52 16.47 14.32
N LEU C 33 7.13 16.94 15.49
CA LEU C 33 5.97 16.42 16.20
C LEU C 33 4.85 17.45 16.24
N GLU C 34 3.63 16.94 16.39
CA GLU C 34 2.46 17.79 16.51
C GLU C 34 2.59 18.62 17.76
N GLU C 35 1.83 19.71 17.80
CA GLU C 35 1.83 20.58 18.95
C GLU C 35 1.68 19.80 20.24
N MET C 36 2.44 20.24 21.25
CA MET C 36 2.50 19.60 22.55
C MET C 36 3.45 20.47 23.37
N ASN C 37 3.47 20.24 24.68
CA ASN C 37 4.39 20.95 25.56
C ASN C 37 5.61 20.11 25.94
N LEU C 38 6.80 20.69 25.76
CA LEU C 38 8.02 20.11 26.28
C LEU C 38 8.71 21.13 27.18
N PRO C 39 9.25 20.67 28.30
CA PRO C 39 10.05 21.55 29.16
C PRO C 39 11.33 22.02 28.50
N GLY C 40 11.90 23.12 28.99
CA GLY C 40 13.25 23.52 28.61
C GLY C 40 13.33 24.62 27.58
N LYS C 41 14.57 24.93 27.20
CA LYS C 41 14.86 26.00 26.26
C LYS C 41 14.53 25.58 24.84
N TRP C 42 13.98 26.52 24.08
CA TRP C 42 13.68 26.28 22.69
C TRP C 42 13.85 27.53 21.88
N LYS C 43 14.19 27.35 20.62
CA LYS C 43 14.35 28.43 19.67
C LYS C 43 13.36 28.21 18.50
N PRO C 44 12.74 29.29 18.02
CA PRO C 44 11.83 29.24 16.88
C PRO C 44 12.59 29.07 15.58
N LYS C 45 12.03 28.26 14.69
CA LYS C 45 12.67 28.00 13.42
C LYS C 45 11.64 27.90 12.33
N MET C 46 12.09 28.15 11.12
CA MET C 46 11.32 27.92 9.92
C MET C 46 11.77 26.60 9.27
N ILE C 47 10.83 25.73 8.90
CA ILE C 47 11.15 24.57 8.05
C ILE C 47 10.25 24.51 6.84
N GLY C 48 10.67 23.73 5.85
CA GLY C 48 9.94 23.61 4.59
C GLY C 48 9.40 22.22 4.39
N GLY C 49 8.34 22.13 3.62
CA GLY C 49 7.78 20.86 3.20
C GLY C 49 7.47 20.92 1.72
N VAL C 50 6.60 20.03 1.27
CA VAL C 50 6.35 19.94 -0.16
C VAL C 50 5.61 21.15 -0.71
N GLY C 51 4.72 21.75 0.09
CA GLY C 51 3.89 22.84 -0.40
C GLY C 51 4.00 24.16 0.34
N GLY C 52 4.99 24.27 1.22
CA GLY C 52 5.32 25.53 1.85
C GLY C 52 6.13 25.36 3.12
N PHE C 53 5.99 26.32 4.02
CA PHE C 53 6.80 26.41 5.22
C PHE C 53 5.92 26.43 6.46
N ILE C 54 6.49 25.96 7.57
CA ILE C 54 5.86 26.17 8.85
C ILE C 54 6.87 26.63 9.89
N LYS C 55 6.33 27.23 10.94
CA LYS C 55 7.11 27.70 12.07
C LYS C 55 7.02 26.63 13.10
N VAL C 56 8.14 26.30 13.72
CA VAL C 56 8.18 25.30 14.77
C VAL C 56 9.06 25.77 15.93
N ARG C 57 8.99 25.04 17.04
CA ARG C 57 9.87 25.25 18.20
C ARG C 57 10.91 24.14 18.25
N GLN C 58 12.18 24.52 18.31
CA GLN C 58 13.29 23.57 18.31
C GLN C 58 13.75 23.34 19.75
N TYR C 59 13.59 22.10 20.20
CA TYR C 59 14.09 21.64 21.49
C TYR C 59 15.28 20.74 21.27
N ASP C 60 16.37 21.01 21.97
CA ASP C 60 17.60 20.23 21.83
C ASP C 60 17.78 19.24 22.96
N GLN C 61 18.54 18.18 22.67
CA GLN C 61 18.91 17.18 23.66
C GLN C 61 17.72 16.58 24.39
N ILE C 62 16.71 16.18 23.62
CA ILE C 62 15.50 15.59 24.17
C ILE C 62 15.63 14.06 24.08
N PRO C 63 15.50 13.36 25.22
CA PRO C 63 15.50 11.91 25.13
C PRO C 63 14.22 11.40 24.50
N ILE C 64 14.35 10.41 23.63
CA ILE C 64 13.24 9.85 22.84
C ILE C 64 13.48 8.35 22.80
N GLU C 65 12.41 7.56 22.77
CA GLU C 65 12.55 6.13 22.57
C GLU C 65 11.76 5.73 21.33
N ILE C 66 12.42 5.02 20.43
CA ILE C 66 11.87 4.64 19.12
C ILE C 66 12.13 3.17 18.94
N CYS C 67 11.08 2.36 18.87
CA CYS C 67 11.24 0.91 18.73
C CYS C 67 12.30 0.35 19.66
N GLY C 68 12.25 0.79 20.92
CA GLY C 68 13.20 0.33 21.93
C GLY C 68 14.62 0.86 21.78
N HIS C 69 14.85 1.75 20.82
CA HIS C 69 16.14 2.44 20.76
C HIS C 69 16.04 3.75 21.51
N LYS C 70 16.73 3.83 22.64
CA LYS C 70 16.80 5.07 23.42
C LYS C 70 17.82 6.00 22.80
N VAL C 71 17.35 7.16 22.34
CA VAL C 71 18.19 8.13 21.66
C VAL C 71 17.96 9.51 22.27
N ILE C 72 18.86 10.44 21.95
CA ILE C 72 18.74 11.85 22.39
C ILE C 72 18.98 12.73 21.18
N GLY C 73 18.10 13.69 20.94
CA GLY C 73 18.33 14.59 19.83
C GLY C 73 17.42 15.77 19.79
N THR C 74 17.51 16.50 18.68
CA THR C 74 16.69 17.67 18.45
C THR C 74 15.30 17.26 17.97
N VAL C 75 14.30 17.93 18.53
CA VAL C 75 12.92 17.70 18.18
C VAL C 75 12.27 19.01 17.86
N LEU C 76 11.59 19.06 16.72
CA LEU C 76 10.83 20.24 16.33
C LEU C 76 9.38 20.01 16.63
N VAL C 77 8.70 21.04 17.15
CA VAL C 77 7.30 20.90 17.52
C VAL C 77 6.54 21.99 16.80
N GLY C 78 5.54 21.59 16.02
CA GLY C 78 4.78 22.53 15.21
C GLY C 78 3.59 21.89 14.51
N PRO C 79 2.91 22.65 13.64
CA PRO C 79 1.69 22.18 13.00
C PRO C 79 1.94 21.26 11.80
N THR C 80 2.54 20.11 12.05
CA THR C 80 2.53 18.99 11.10
C THR C 80 1.29 18.13 11.40
N PRO C 81 0.61 17.64 10.34
CA PRO C 81 -0.55 16.78 10.57
C PRO C 81 -0.17 15.38 11.04
N VAL C 82 1.10 15.03 10.85
CA VAL C 82 1.61 13.71 11.23
C VAL C 82 2.97 13.87 11.91
N ASN C 83 3.15 13.13 13.00
CA ASN C 83 4.43 13.11 13.70
C ASN C 83 5.46 12.43 12.79
N ILE C 84 6.58 13.10 12.58
CA ILE C 84 7.62 12.67 11.62
C ILE C 84 8.90 12.33 12.39
N ILE C 85 9.46 11.15 12.17
CA ILE C 85 10.80 10.83 12.61
C ILE C 85 11.75 10.98 11.44
N GLY C 86 12.69 11.93 11.53
CA GLY C 86 13.55 12.27 10.40
C GLY C 86 14.94 11.69 10.56
N ARG C 87 15.81 12.04 9.61
CA ARG C 87 17.13 11.45 9.52
C ARG C 87 18.04 11.74 10.72
N ASN C 88 17.78 12.84 11.43
CA ASN C 88 18.56 13.14 12.63
C ASN C 88 18.45 12.00 13.67
N LEU C 89 17.31 11.31 13.72
CA LEU C 89 17.13 10.23 14.69
C LEU C 89 17.18 8.86 14.05
N LEU C 90 16.85 8.78 12.76
CA LEU C 90 16.97 7.52 12.02
C LEU C 90 18.44 7.06 11.98
N THR C 91 19.35 8.01 11.86
CA THR C 91 20.76 7.68 11.85
C THR C 91 21.21 7.11 13.21
N GLN C 92 20.66 7.62 14.30
CA GLN C 92 21.08 7.18 15.63
C GLN C 92 20.70 5.73 15.88
N ILE C 93 19.58 5.31 15.30
CA ILE C 93 19.11 3.95 15.50
C ILE C 93 19.72 3.00 14.45
N GLY C 94 20.59 3.53 13.60
CA GLY C 94 21.34 2.69 12.63
C GLY C 94 20.50 2.33 11.42
N CYS C 95 19.53 3.18 11.09
CA CYS C 95 18.56 2.86 10.06
C CYS C 95 19.16 3.02 8.66
N THR C 96 18.94 2.03 7.80
CA THR C 96 19.28 2.13 6.39
C THR C 96 18.08 1.81 5.50
N LEU C 97 18.14 2.31 4.25
CA LEU C 97 17.18 1.93 3.20
C LEU C 97 17.81 0.84 2.37
N ASN C 98 17.14 -0.31 2.29
CA ASN C 98 17.72 -1.48 1.65
C ASN C 98 16.83 -2.01 0.51
N PHE C 99 17.45 -2.23 -0.65
CA PHE C 99 16.80 -2.94 -1.75
C PHE C 99 17.82 -3.60 -2.67
N PRO D 1 21.20 -1.85 -2.94
CA PRO D 1 22.19 -1.28 -2.03
C PRO D 1 21.69 -1.11 -0.59
N GLN D 2 22.57 -0.64 0.28
CA GLN D 2 22.17 -0.17 1.62
C GLN D 2 22.43 1.32 1.75
N ILE D 3 21.37 2.09 1.63
CA ILE D 3 21.49 3.51 1.67
C ILE D 3 21.41 4.04 3.11
N THR D 4 22.50 4.64 3.52
CA THR D 4 22.66 5.19 4.84
C THR D 4 21.97 6.58 4.82
N LEU D 5 21.68 7.15 5.99
CA LEU D 5 20.84 8.34 6.08
C LEU D 5 21.55 9.59 6.64
N TRP D 6 22.89 9.60 6.61
CA TRP D 6 23.64 10.79 7.03
C TRP D 6 23.37 11.96 6.14
N LYS D 7 23.15 11.70 4.86
CA LYS D 7 22.75 12.73 3.93
C LYS D 7 21.41 12.35 3.35
N ARG D 8 20.83 13.26 2.60
CA ARG D 8 19.57 13.01 1.91
C ARG D 8 19.77 11.83 0.97
N PRO D 9 18.89 10.81 1.06
CA PRO D 9 19.06 9.65 0.20
C PRO D 9 18.61 9.96 -1.24
N LEU D 10 19.48 10.65 -1.95
CA LEU D 10 19.27 11.01 -3.32
C LEU D 10 19.90 9.98 -4.22
N VAL D 11 19.15 9.48 -5.18
CA VAL D 11 19.70 8.55 -6.14
C VAL D 11 19.35 9.00 -7.55
N THR D 12 19.98 8.35 -8.53
CA THR D 12 19.73 8.65 -9.93
C THR D 12 18.57 7.83 -10.45
N ILE D 13 17.69 8.51 -11.20
CA ILE D 13 16.58 7.88 -11.85
C ILE D 13 16.64 8.19 -13.33
N ARG D 14 16.06 7.30 -14.12
CA ARG D 14 15.99 7.47 -15.55
C ARG D 14 14.56 7.39 -15.95
N ILE D 15 14.13 8.40 -16.70
CA ILE D 15 12.79 8.42 -17.23
C ILE D 15 12.84 8.83 -18.70
N GLY D 16 12.49 7.88 -19.57
CA GLY D 16 12.50 8.07 -21.01
C GLY D 16 13.76 8.76 -21.51
N GLY D 17 14.91 8.20 -21.16
CA GLY D 17 16.18 8.79 -21.56
C GLY D 17 16.73 9.89 -20.66
N GLN D 18 15.84 10.58 -19.94
CA GLN D 18 16.26 11.65 -19.01
C GLN D 18 16.84 11.07 -17.72
N LEU D 19 18.02 11.53 -17.35
CA LEU D 19 18.59 11.21 -16.07
C LEU D 19 18.32 12.32 -15.07
N LYS D 20 17.80 11.97 -13.91
CA LYS D 20 17.45 12.93 -12.87
C LYS D 20 17.89 12.41 -11.52
N GLU D 21 18.00 13.30 -10.54
CA GLU D 21 18.22 12.90 -9.17
C GLU D 21 16.90 12.99 -8.43
N ALA D 22 16.60 11.96 -7.62
CA ALA D 22 15.37 11.95 -6.82
C ALA D 22 15.62 11.44 -5.41
N LEU D 23 14.82 11.95 -4.47
CA LEU D 23 14.90 11.62 -3.06
C LEU D 23 14.05 10.37 -2.71
N LEU D 24 14.67 9.37 -2.12
CA LEU D 24 13.93 8.20 -1.66
C LEU D 24 13.20 8.57 -0.37
N ASN D 25 11.89 8.66 -0.44
CA ASN D 25 11.10 9.28 0.63
C ASN D 25 10.04 8.31 1.19
N THR D 26 10.39 7.65 2.29
CA THR D 26 9.44 6.76 2.99
C THR D 26 8.27 7.52 3.61
N GLY D 27 8.38 8.85 3.69
CA GLY D 27 7.31 9.70 4.20
C GLY D 27 6.35 10.21 3.15
N ALA D 28 6.44 9.66 1.94
CA ALA D 28 5.53 10.02 0.87
C ALA D 28 4.79 8.80 0.39
N ASP D 29 3.47 8.90 0.32
CA ASP D 29 2.65 7.81 -0.23
C ASP D 29 2.96 7.60 -1.72
N ASP D 30 3.17 8.72 -2.42
CA ASP D 30 3.22 8.78 -3.88
C ASP D 30 4.52 9.43 -4.38
N THR D 31 4.81 9.17 -5.64
CA THR D 31 6.00 9.67 -6.30
C THR D 31 5.65 10.97 -7.06
N VAL D 32 6.45 12.01 -6.85
CA VAL D 32 6.22 13.31 -7.50
C VAL D 32 7.53 13.91 -8.02
N LEU D 33 7.50 14.34 -9.29
CA LEU D 33 8.65 14.91 -9.96
C LEU D 33 8.38 16.36 -10.33
N GLU D 34 9.45 17.13 -10.43
CA GLU D 34 9.37 18.50 -10.91
C GLU D 34 8.84 18.52 -12.33
N GLU D 35 8.46 19.70 -12.77
CA GLU D 35 7.83 19.91 -14.08
C GLU D 35 8.59 19.24 -15.21
N MET D 36 7.87 18.43 -15.98
CA MET D 36 8.45 17.69 -17.11
C MET D 36 7.31 17.20 -17.96
N ASN D 37 7.61 16.74 -19.18
CA ASN D 37 6.60 16.15 -20.05
C ASN D 37 6.57 14.63 -19.86
N LEU D 38 5.38 14.07 -19.91
CA LEU D 38 5.21 12.62 -19.86
C LEU D 38 4.14 12.20 -20.84
N PRO D 39 4.22 10.95 -21.34
CA PRO D 39 3.22 10.48 -22.26
C PRO D 39 1.93 10.12 -21.55
N GLY D 40 0.81 10.18 -22.28
CA GLY D 40 -0.48 9.71 -21.78
C GLY D 40 -1.38 10.78 -21.17
N LYS D 41 -2.53 10.33 -20.69
CA LYS D 41 -3.52 11.20 -20.04
C LYS D 41 -3.18 11.41 -18.58
N TRP D 42 -3.73 12.48 -18.03
CA TRP D 42 -3.52 12.78 -16.64
C TRP D 42 -4.76 13.39 -16.00
N LYS D 43 -4.74 13.47 -14.67
CA LYS D 43 -5.82 14.03 -13.89
C LYS D 43 -5.17 14.97 -12.87
N PRO D 44 -5.86 16.08 -12.55
CA PRO D 44 -5.27 16.94 -11.52
C PRO D 44 -5.45 16.34 -10.11
N LYS D 45 -4.49 16.58 -9.23
CA LYS D 45 -4.53 16.07 -7.86
C LYS D 45 -3.89 17.09 -6.93
N MET D 46 -4.24 17.01 -5.65
CA MET D 46 -3.59 17.82 -4.64
C MET D 46 -2.72 16.92 -3.76
N ILE D 47 -1.51 17.33 -3.47
CA ILE D 47 -0.70 16.65 -2.44
C ILE D 47 -0.12 17.63 -1.45
N GLY D 48 0.07 17.16 -0.23
CA GLY D 48 0.65 17.99 0.83
C GLY D 48 1.18 17.20 2.01
N GLY D 49 1.82 17.91 2.92
CA GLY D 49 2.26 17.32 4.19
C GLY D 49 2.60 18.37 5.21
N VAL D 50 3.85 18.80 5.21
CA VAL D 50 4.28 19.90 6.05
C VAL D 50 4.00 21.19 5.30
N GLY D 51 3.09 22.01 5.83
CA GLY D 51 2.67 23.22 5.14
C GLY D 51 1.56 22.96 4.12
N GLY D 52 1.32 23.92 3.24
CA GLY D 52 0.23 23.77 2.27
C GLY D 52 0.30 22.58 1.31
N PHE D 53 -0.74 22.43 0.50
CA PHE D 53 -0.78 21.46 -0.57
C PHE D 53 -0.31 22.13 -1.86
N ILE D 54 0.14 21.32 -2.80
CA ILE D 54 0.36 21.78 -4.17
C ILE D 54 -0.53 20.95 -5.10
N LYS D 55 -0.94 21.58 -6.21
CA LYS D 55 -1.65 20.92 -7.27
C LYS D 55 -0.64 20.28 -8.21
N VAL D 56 -0.90 19.05 -8.59
CA VAL D 56 -0.04 18.29 -9.47
C VAL D 56 -0.86 17.56 -10.55
N ARG D 57 -0.16 17.06 -11.56
CA ARG D 57 -0.75 16.24 -12.61
C ARG D 57 -0.42 14.78 -12.33
N GLN D 58 -1.44 13.93 -12.37
CA GLN D 58 -1.28 12.51 -12.09
C GLN D 58 -1.28 11.72 -13.39
N TYR D 59 -0.13 11.13 -13.72
CA TYR D 59 0.01 10.20 -14.84
C TYR D 59 0.04 8.78 -14.28
N ASP D 60 -0.67 7.86 -14.92
CA ASP D 60 -0.70 6.48 -14.45
C ASP D 60 0.21 5.61 -15.29
N GLN D 61 0.65 4.49 -14.72
CA GLN D 61 1.40 3.49 -15.46
C GLN D 61 2.55 4.11 -16.22
N ILE D 62 3.32 4.94 -15.52
CA ILE D 62 4.51 5.52 -16.10
C ILE D 62 5.71 4.68 -15.72
N PRO D 63 6.47 4.22 -16.72
CA PRO D 63 7.68 3.50 -16.40
C PRO D 63 8.80 4.45 -16.15
N ILE D 64 9.48 4.22 -15.04
CA ILE D 64 10.68 4.95 -14.74
C ILE D 64 11.64 3.92 -14.17
N GLU D 65 12.91 4.29 -14.10
CA GLU D 65 13.95 3.38 -13.67
C GLU D 65 14.75 4.00 -12.52
N ILE D 66 14.83 3.28 -11.40
CA ILE D 66 15.41 3.80 -10.16
C ILE D 66 16.62 2.97 -9.75
N CYS D 67 17.82 3.54 -9.87
CA CYS D 67 19.06 2.79 -9.61
C CYS D 67 19.05 1.41 -10.32
N GLY D 68 18.58 1.39 -11.57
CA GLY D 68 18.58 0.17 -12.37
C GLY D 68 17.44 -0.76 -12.07
N HIS D 69 16.40 -0.28 -11.40
CA HIS D 69 15.23 -1.09 -11.14
C HIS D 69 14.05 -0.51 -11.90
N LYS D 70 13.61 -1.24 -12.91
CA LYS D 70 12.47 -0.80 -13.68
C LYS D 70 11.20 -0.95 -12.90
N VAL D 71 10.44 0.14 -12.82
CA VAL D 71 9.15 0.17 -12.18
C VAL D 71 8.14 0.80 -13.15
N ILE D 72 6.87 0.56 -12.91
CA ILE D 72 5.81 1.18 -13.67
C ILE D 72 4.71 1.51 -12.69
N GLY D 73 4.39 2.78 -12.55
CA GLY D 73 3.26 3.15 -11.75
C GLY D 73 2.98 4.61 -11.85
N THR D 74 2.26 5.10 -10.85
CA THR D 74 1.77 6.44 -10.87
C THR D 74 2.91 7.43 -10.60
N VAL D 75 3.00 8.43 -11.47
CA VAL D 75 3.98 9.49 -11.29
C VAL D 75 3.24 10.81 -11.31
N LEU D 76 3.39 11.61 -10.26
CA LEU D 76 2.80 12.95 -10.20
C LEU D 76 3.83 13.94 -10.69
N VAL D 77 3.36 15.02 -11.32
CA VAL D 77 4.26 16.04 -11.84
C VAL D 77 3.73 17.41 -11.37
N GLY D 78 4.59 18.17 -10.72
CA GLY D 78 4.21 19.49 -10.23
C GLY D 78 5.31 20.16 -9.44
N PRO D 79 5.00 21.28 -8.77
CA PRO D 79 6.03 22.11 -8.18
C PRO D 79 6.54 21.59 -6.83
N THR D 80 6.99 20.35 -6.79
CA THR D 80 7.68 19.84 -5.63
C THR D 80 9.05 20.50 -5.53
N PRO D 81 9.54 20.80 -4.30
CA PRO D 81 10.90 21.39 -4.18
C PRO D 81 12.01 20.45 -4.66
N VAL D 82 11.77 19.15 -4.57
CA VAL D 82 12.74 18.14 -5.01
C VAL D 82 12.01 16.94 -5.59
N ASN D 83 12.64 16.28 -6.57
CA ASN D 83 12.06 15.04 -7.10
C ASN D 83 11.98 14.02 -5.98
N ILE D 84 10.84 13.35 -5.87
CA ILE D 84 10.56 12.45 -4.74
C ILE D 84 10.04 11.12 -5.23
N ILE D 85 10.68 10.05 -4.78
CA ILE D 85 10.20 8.68 -5.00
C ILE D 85 9.46 8.22 -3.74
N GLY D 86 8.16 7.93 -3.87
CA GLY D 86 7.33 7.59 -2.73
C GLY D 86 7.11 6.10 -2.62
N ARG D 87 6.31 5.71 -1.64
CA ARG D 87 6.13 4.31 -1.32
C ARG D 87 5.52 3.52 -2.50
N ASN D 88 4.76 4.19 -3.35
CA ASN D 88 4.14 3.50 -4.49
C ASN D 88 5.19 2.87 -5.42
N LEU D 89 6.37 3.50 -5.54
CA LEU D 89 7.47 2.91 -6.30
C LEU D 89 8.56 2.25 -5.43
N LEU D 90 8.70 2.71 -4.18
CA LEU D 90 9.62 2.06 -3.25
C LEU D 90 9.23 0.57 -3.02
N THR D 91 7.93 0.28 -2.94
CA THR D 91 7.51 -1.09 -2.78
C THR D 91 7.82 -1.93 -4.04
N GLN D 92 7.76 -1.28 -5.21
CA GLN D 92 8.06 -1.98 -6.47
C GLN D 92 9.52 -2.37 -6.61
N ILE D 93 10.43 -1.55 -6.09
CA ILE D 93 11.86 -1.92 -6.09
C ILE D 93 12.25 -2.82 -4.91
N GLY D 94 11.31 -3.08 -4.01
CA GLY D 94 11.55 -3.94 -2.85
C GLY D 94 12.36 -3.23 -1.79
N CYS D 95 12.09 -1.95 -1.63
CA CYS D 95 12.80 -1.15 -0.64
C CYS D 95 12.17 -1.37 0.73
N THR D 96 13.01 -1.59 1.74
CA THR D 96 12.57 -1.64 3.13
C THR D 96 13.48 -0.73 4.00
N LEU D 97 12.98 -0.38 5.17
CA LEU D 97 13.76 0.28 6.21
C LEU D 97 14.29 -0.78 7.14
N ASN D 98 15.58 -0.70 7.46
CA ASN D 98 16.23 -1.70 8.28
C ASN D 98 17.06 -1.09 9.39
N PHE D 99 16.95 -1.63 10.60
CA PHE D 99 17.87 -1.30 11.69
C PHE D 99 17.98 -2.44 12.68
N ARG E 1 2.63 -21.94 -1.37
CA ARG E 1 1.34 -22.23 -2.07
C ARG E 1 0.50 -20.95 -2.10
N PRO E 2 0.19 -20.44 -3.29
CA PRO E 2 -0.45 -19.13 -3.33
C PRO E 2 -1.97 -19.20 -3.02
N GLY E 3 -2.43 -18.36 -2.08
CA GLY E 3 -3.80 -18.44 -1.59
C GLY E 3 -4.54 -17.13 -1.40
N ASN E 4 -3.88 -16.00 -1.63
CA ASN E 4 -4.52 -14.70 -1.41
C ASN E 4 -4.35 -13.83 -2.63
N PHE E 5 -5.36 -13.78 -3.47
CA PHE E 5 -5.22 -13.12 -4.73
C PHE E 5 -5.85 -11.73 -4.76
N LEU E 6 -5.67 -10.97 -3.69
CA LEU E 6 -5.80 -9.53 -3.79
C LEU E 6 -5.13 -9.06 -5.10
N GLN E 7 -5.84 -8.26 -5.87
CA GLN E 7 -5.23 -7.62 -7.02
C GLN E 7 -5.71 -6.21 -7.17
N SER E 8 -4.77 -5.30 -7.33
CA SER E 8 -5.12 -3.90 -7.45
C SER E 8 -4.52 -3.23 -8.68
N ARG E 9 -5.34 -2.38 -9.28
CA ARG E 9 -4.93 -1.52 -10.36
C ARG E 9 -3.97 -0.51 -9.76
N LEU E 10 -3.06 0.01 -10.56
CA LEU E 10 -2.21 1.08 -10.07
C LEU E 10 -2.62 2.40 -10.71
N ARG F 1 -6.35 14.24 2.03
CA ARG F 1 -5.50 13.70 3.13
C ARG F 1 -4.03 14.06 2.85
N PRO F 2 -3.33 14.60 3.85
CA PRO F 2 -1.90 14.85 3.64
C PRO F 2 -1.12 13.53 3.55
N GLY F 3 -0.24 13.41 2.56
CA GLY F 3 0.51 12.17 2.36
C GLY F 3 1.91 12.27 1.77
N ASN F 4 2.43 13.48 1.60
CA ASN F 4 3.86 13.67 1.24
C ASN F 4 4.57 14.55 2.27
N PHE F 5 5.35 13.90 3.13
CA PHE F 5 5.91 14.58 4.28
C PHE F 5 7.39 14.88 4.11
N LEU F 6 7.78 15.20 2.89
CA LEU F 6 9.04 15.87 2.67
C LEU F 6 9.22 16.93 3.76
N GLN F 7 10.39 16.97 4.38
CA GLN F 7 10.70 18.05 5.32
C GLN F 7 12.14 18.44 5.19
N SER F 8 12.37 19.75 5.10
CA SER F 8 13.68 20.28 4.83
C SER F 8 14.05 21.28 5.92
N ARG F 9 15.26 21.13 6.44
CA ARG F 9 15.80 22.07 7.41
C ARG F 9 16.32 23.25 6.65
N LEU F 10 15.66 24.40 6.81
CA LEU F 10 16.07 25.63 6.17
C LEU F 10 14.97 26.69 6.29
#